data_7Z3P
#
_entry.id   7Z3P
#
_cell.length_a   96.727
_cell.length_b   52.811
_cell.length_c   89.055
_cell.angle_alpha   90
_cell.angle_beta   90
_cell.angle_gamma   90
#
_symmetry.space_group_name_H-M   'P 21 21 2'
#
loop_
_entity.id
_entity.type
_entity.pdbx_description
1 polymer Leptin
2 polymer 'Leptin receptor'
3 non-polymer 'CALCIUM ION'
4 non-polymer DI(HYDROXYETHYL)ETHER
5 water water
#
loop_
_entity_poly.entity_id
_entity_poly.type
_entity_poly.pdbx_seq_one_letter_code
_entity_poly.pdbx_strand_id
1 'polypeptide(L)'
;AHHHHHHPGGPGGVPIQKVQDDTKTLIKTIVTRINDISHTQSVSAKQRVTGLDFIPGLHPILSLSKMDQTLAVYQQVLTS
LPSQNVLQIANDLENLRDLLHLLAFSKSCSLPQTSGLQKPESLDGVLEASLYSTEVVALSRLQGSLQDILQQLDVSPEC
;
A
2 'polypeptide(L)'
;AHHHHHHPGGPGSENLYFQGGSSGIDVNINISCETDGYLTKMTCRWSPSTIQSLVGSTVQLRYHRRSLYCPDSPSIHPTS
EPKNCVLQRDGFYECVFQPIFLLSGYTMWIRIQHSLGSLDSPPTCVLPDSVVKPLPPSNVKAEITVNTGLLKVSWEKPVF
PENNLQFQIRYGLSGKEIQWKTHEVFDAKSKSASLLVSDLSAVYVVQVRCRRLDGLGYWSNWSSPAYTLVMD
;
B
#
# COMPACT_ATOMS: atom_id res chain seq x y z
N PRO A 15 9.77 -12.19 8.56
CA PRO A 15 10.49 -12.14 9.83
C PRO A 15 9.84 -11.25 10.88
N ILE A 16 10.27 -11.36 12.15
CA ILE A 16 9.69 -10.54 13.23
C ILE A 16 9.97 -9.05 13.04
N GLN A 17 11.15 -8.70 12.50
CA GLN A 17 11.52 -7.31 12.20
C GLN A 17 10.50 -6.68 11.27
N LYS A 18 10.00 -7.45 10.29
CA LYS A 18 8.98 -6.99 9.36
C LYS A 18 7.63 -6.82 10.06
N VAL A 19 7.31 -7.65 11.06
CA VAL A 19 6.05 -7.58 11.79
C VAL A 19 5.99 -6.34 12.65
N GLN A 20 7.09 -6.06 13.36
CA GLN A 20 7.19 -4.87 14.22
C GLN A 20 7.14 -3.60 13.36
N ASP A 21 7.89 -3.57 12.25
CA ASP A 21 7.89 -2.43 11.33
C ASP A 21 6.51 -2.25 10.67
N ASP A 22 5.86 -3.36 10.27
CA ASP A 22 4.54 -3.29 9.63
C ASP A 22 3.48 -2.82 10.61
N THR A 23 3.59 -3.18 11.90
CA THR A 23 2.63 -2.71 12.90
C THR A 23 2.70 -1.19 13.04
N LYS A 24 3.92 -0.64 13.18
CA LYS A 24 4.13 0.80 13.30
C LYS A 24 3.67 1.52 12.03
N THR A 25 3.98 0.96 10.85
CA THR A 25 3.59 1.54 9.55
C THR A 25 2.07 1.56 9.39
N LEU A 26 1.39 0.48 9.79
CA LEU A 26 -0.08 0.43 9.72
C LEU A 26 -0.73 1.48 10.65
N ILE A 27 -0.19 1.66 11.88
CA ILE A 27 -0.71 2.67 12.80
C ILE A 27 -0.57 4.07 12.15
N LYS A 28 0.58 4.37 11.55
CA LYS A 28 0.77 5.65 10.88
C LYS A 28 -0.21 5.83 9.73
N THR A 29 -0.46 4.75 8.98
CA THR A 29 -1.41 4.76 7.87
C THR A 29 -2.83 5.11 8.39
N ILE A 30 -3.30 4.49 9.50
CA ILE A 30 -4.62 4.78 10.05
C ILE A 30 -4.71 6.22 10.52
N VAL A 31 -3.66 6.70 11.19
CA VAL A 31 -3.62 8.08 11.66
C VAL A 31 -3.76 9.06 10.48
N THR A 32 -3.09 8.78 9.38
CA THR A 32 -3.16 9.64 8.20
C THR A 32 -4.57 9.61 7.58
N ARG A 33 -5.21 8.44 7.54
CA ARG A 33 -6.57 8.31 7.03
C ARG A 33 -7.53 9.15 7.86
N ILE A 34 -7.34 9.18 9.19
CA ILE A 34 -8.19 9.95 10.09
C ILE A 34 -7.99 11.44 9.86
N ASN A 35 -6.75 11.88 9.61
CA ASN A 35 -6.46 13.29 9.31
C ASN A 35 -7.11 13.71 7.99
N ASP A 36 -7.15 12.80 6.99
CA ASP A 36 -7.77 13.08 5.70
C ASP A 36 -9.29 13.20 5.77
N ILE A 37 -9.93 12.59 6.79
CA ILE A 37 -11.38 12.71 6.93
C ILE A 37 -11.77 14.14 7.37
N SER A 38 -10.91 14.78 8.20
CA SER A 38 -11.17 16.15 8.66
C SER A 38 -10.98 17.16 7.51
N PHE A 54 1.26 16.07 23.39
CA PHE A 54 2.17 15.12 22.73
C PHE A 54 3.63 15.46 23.05
N ILE A 55 4.10 15.07 24.23
CA ILE A 55 5.47 15.34 24.63
C ILE A 55 6.32 14.10 24.46
N PRO A 56 7.43 14.20 23.70
CA PRO A 56 8.33 13.04 23.53
C PRO A 56 8.83 12.53 24.88
N GLY A 57 8.66 11.24 25.13
CA GLY A 57 9.06 10.66 26.40
C GLY A 57 7.97 10.57 27.44
N LEU A 58 6.87 11.33 27.28
CA LEU A 58 5.74 11.32 28.22
C LEU A 58 4.50 10.72 27.58
N HIS A 59 4.09 9.53 28.04
CA HIS A 59 2.95 8.84 27.48
C HIS A 59 2.44 7.78 28.45
N PRO A 60 1.14 7.44 28.36
CA PRO A 60 0.62 6.35 29.18
C PRO A 60 1.18 5.02 28.69
N ILE A 61 1.23 4.04 29.59
CA ILE A 61 1.68 2.72 29.21
C ILE A 61 0.50 1.79 29.10
N LEU A 62 0.38 1.15 27.94
CA LEU A 62 -0.64 0.17 27.67
C LEU A 62 0.07 -1.17 27.55
N SER A 63 -0.54 -2.23 28.05
CA SER A 63 0.01 -3.57 27.89
C SER A 63 -0.48 -4.10 26.52
N LEU A 64 -0.05 -5.31 26.09
CA LEU A 64 -0.55 -5.88 24.84
C LEU A 64 -2.04 -6.16 24.97
N SER A 65 -2.48 -6.68 26.13
CA SER A 65 -3.90 -6.97 26.35
C SER A 65 -4.74 -5.71 26.45
N LYS A 66 -4.16 -4.64 27.00
CA LYS A 66 -4.85 -3.35 27.06
C LYS A 66 -5.01 -2.77 25.67
N MET A 67 -3.95 -2.88 24.84
CA MET A 67 -3.97 -2.43 23.45
C MET A 67 -5.03 -3.20 22.68
N ASP A 68 -5.11 -4.51 22.89
CA ASP A 68 -6.10 -5.33 22.22
C ASP A 68 -7.53 -4.99 22.64
N GLN A 69 -7.78 -4.83 23.95
CA GLN A 69 -9.10 -4.47 24.43
C GLN A 69 -9.51 -3.09 23.92
N THR A 70 -8.57 -2.15 23.87
CA THR A 70 -8.84 -0.80 23.40
C THR A 70 -9.27 -0.80 21.91
N LEU A 71 -8.53 -1.51 21.04
CA LEU A 71 -8.87 -1.57 19.64
C LEU A 71 -10.18 -2.32 19.37
N ALA A 72 -10.50 -3.33 20.20
CA ALA A 72 -11.75 -4.07 20.05
C ALA A 72 -12.95 -3.17 20.33
N VAL A 73 -12.82 -2.26 21.31
CA VAL A 73 -13.90 -1.31 21.64
C VAL A 73 -14.15 -0.40 20.43
N TYR A 74 -13.08 0.16 19.84
CA TYR A 74 -13.15 1.03 18.66
C TYR A 74 -13.68 0.28 17.44
N GLN A 75 -13.35 -1.00 17.33
CA GLN A 75 -13.78 -1.91 16.28
C GLN A 75 -15.31 -2.11 16.39
N GLN A 76 -15.83 -2.40 17.60
CA GLN A 76 -17.27 -2.60 17.81
C GLN A 76 -18.04 -1.33 17.43
N VAL A 77 -17.52 -0.17 17.85
CA VAL A 77 -18.07 1.14 17.56
C VAL A 77 -18.11 1.44 16.05
N LEU A 78 -16.97 1.25 15.36
CA LEU A 78 -16.89 1.58 13.94
C LEU A 78 -17.66 0.65 13.03
N THR A 79 -17.80 -0.65 13.37
CA THR A 79 -18.49 -1.59 12.47
C THR A 79 -19.98 -1.30 12.31
N SER A 80 -20.61 -0.74 13.34
CA SER A 80 -22.02 -0.38 13.26
C SER A 80 -22.10 1.12 12.91
N LEU A 81 -21.59 1.49 11.72
CA LEU A 81 -21.51 2.88 11.27
C LEU A 81 -21.34 2.98 9.75
N PRO A 82 -22.21 3.72 9.04
CA PRO A 82 -22.05 3.85 7.58
C PRO A 82 -20.96 4.86 7.19
N SER A 83 -20.21 4.58 6.09
CA SER A 83 -19.12 5.40 5.54
C SER A 83 -18.06 4.48 4.92
N GLN A 84 -17.52 4.84 3.74
CA GLN A 84 -16.48 4.03 3.11
C GLN A 84 -15.11 4.24 3.78
N ASN A 85 -14.85 5.47 4.26
CA ASN A 85 -13.57 5.75 4.94
C ASN A 85 -13.52 5.03 6.30
N VAL A 86 -14.68 4.93 7.00
CA VAL A 86 -14.80 4.21 8.27
C VAL A 86 -14.61 2.68 8.05
N LEU A 87 -15.20 2.12 6.96
CA LEU A 87 -15.06 0.69 6.61
C LEU A 87 -13.58 0.34 6.44
N GLN A 88 -12.81 1.19 5.76
CA GLN A 88 -11.38 0.93 5.55
C GLN A 88 -10.58 0.94 6.87
N ILE A 89 -10.85 1.90 7.74
CA ILE A 89 -10.20 1.97 9.04
C ILE A 89 -10.57 0.74 9.88
N ALA A 90 -11.83 0.26 9.79
CA ALA A 90 -12.25 -0.95 10.50
C ALA A 90 -11.43 -2.17 10.00
N ASN A 91 -11.12 -2.25 8.69
CA ASN A 91 -10.28 -3.34 8.15
C ASN A 91 -8.84 -3.22 8.63
N ASP A 92 -8.29 -1.99 8.70
CA ASP A 92 -6.93 -1.79 9.22
C ASP A 92 -6.87 -2.21 10.70
N LEU A 93 -7.91 -1.92 11.49
CA LEU A 93 -7.93 -2.35 12.90
C LEU A 93 -7.95 -3.88 13.03
N GLU A 94 -8.62 -4.57 12.09
CA GLU A 94 -8.66 -6.04 12.09
C GLU A 94 -7.23 -6.57 11.86
N ASN A 95 -6.45 -5.94 10.96
CA ASN A 95 -5.05 -6.34 10.75
C ASN A 95 -4.22 -6.03 12.00
N LEU A 96 -4.38 -4.82 12.57
CA LEU A 96 -3.66 -4.38 13.77
C LEU A 96 -3.89 -5.32 14.98
N ARG A 97 -5.14 -5.76 15.24
CA ARG A 97 -5.40 -6.67 16.36
C ARG A 97 -4.70 -8.02 16.14
N ASP A 98 -4.68 -8.52 14.91
CA ASP A 98 -3.99 -9.77 14.59
C ASP A 98 -2.48 -9.63 14.78
N LEU A 99 -1.90 -8.48 14.38
CA LEU A 99 -0.47 -8.24 14.55
C LEU A 99 -0.13 -8.23 16.05
N LEU A 100 -0.98 -7.62 16.87
CA LEU A 100 -0.77 -7.61 18.32
C LEU A 100 -0.81 -9.02 18.89
N HIS A 101 -1.71 -9.87 18.42
CA HIS A 101 -1.79 -11.26 18.91
C HIS A 101 -0.55 -12.04 18.50
N LEU A 102 -0.05 -11.81 17.27
CA LEU A 102 1.16 -12.42 16.74
C LEU A 102 2.38 -11.96 17.53
N LEU A 103 2.43 -10.67 17.96
CA LEU A 103 3.52 -10.13 18.78
C LEU A 103 3.47 -10.74 20.20
N ALA A 104 2.24 -10.97 20.72
CA ALA A 104 2.04 -11.59 22.02
C ALA A 104 2.49 -13.05 22.00
N PHE A 105 2.21 -13.76 20.90
CA PHE A 105 2.63 -15.15 20.75
C PHE A 105 4.15 -15.21 20.70
N SER A 106 4.77 -14.30 19.94
CA SER A 106 6.21 -14.14 19.76
C SER A 106 6.98 -13.99 21.09
N LYS A 107 6.30 -13.59 22.17
CA LYS A 107 6.94 -13.48 23.49
C LYS A 107 6.25 -14.40 24.52
N SER A 108 5.82 -15.58 24.05
CA SER A 108 5.20 -16.68 24.80
C SER A 108 4.01 -16.30 25.72
N CYS A 109 3.19 -15.32 25.33
CA CYS A 109 2.03 -14.95 26.16
C CYS A 109 0.70 -14.95 25.38
N SER A 110 -0.41 -15.08 26.11
CA SER A 110 -1.76 -15.12 25.52
C SER A 110 -2.54 -13.84 25.81
N LEU A 111 -3.54 -13.52 24.98
CA LEU A 111 -4.35 -12.32 25.18
C LEU A 111 -5.85 -12.59 25.49
N PRO A 112 -6.52 -13.60 24.87
CA PRO A 112 -7.95 -13.84 25.14
C PRO A 112 -8.53 -13.41 26.49
N SER A 133 -22.91 12.81 16.75
CA SER A 133 -22.33 11.80 15.87
C SER A 133 -21.33 10.90 16.59
N THR A 134 -21.61 9.59 16.58
CA THR A 134 -20.73 8.61 17.19
C THR A 134 -19.42 8.53 16.41
N GLU A 135 -19.47 8.61 15.06
CA GLU A 135 -18.32 8.55 14.15
C GLU A 135 -17.23 9.60 14.44
N VAL A 136 -17.61 10.87 14.50
CA VAL A 136 -16.69 11.98 14.75
C VAL A 136 -15.84 11.79 16.01
N VAL A 137 -16.49 11.51 17.15
CA VAL A 137 -15.79 11.35 18.41
C VAL A 137 -15.01 10.04 18.45
N ALA A 138 -15.52 8.97 17.81
CA ALA A 138 -14.82 7.69 17.79
C ALA A 138 -13.50 7.81 17.05
N LEU A 139 -13.49 8.45 15.87
CA LEU A 139 -12.28 8.61 15.07
C LEU A 139 -11.26 9.52 15.75
N SER A 140 -11.73 10.55 16.41
CA SER A 140 -10.91 11.50 17.13
C SER A 140 -10.23 10.83 18.34
N ARG A 141 -10.99 9.98 19.07
CA ARG A 141 -10.47 9.24 20.22
C ARG A 141 -9.48 8.17 19.75
N LEU A 142 -9.81 7.48 18.63
CA LEU A 142 -8.98 6.44 18.05
C LEU A 142 -7.60 6.99 17.71
N GLN A 143 -7.54 8.15 17.07
CA GLN A 143 -6.28 8.81 16.70
C GLN A 143 -5.38 9.05 17.93
N GLY A 144 -5.94 9.60 19.00
CA GLY A 144 -5.19 9.81 20.23
C GLY A 144 -4.68 8.50 20.81
N SER A 145 -5.52 7.44 20.78
CA SER A 145 -5.12 6.13 21.29
C SER A 145 -4.00 5.51 20.47
N LEU A 146 -4.06 5.64 19.14
CA LEU A 146 -3.05 5.11 18.23
C LEU A 146 -1.72 5.83 18.39
N GLN A 147 -1.74 7.16 18.57
CA GLN A 147 -0.50 7.90 18.82
C GLN A 147 0.16 7.45 20.12
N ASP A 148 -0.64 7.08 21.15
CA ASP A 148 -0.13 6.55 22.43
C ASP A 148 0.49 5.15 22.22
N ILE A 149 -0.18 4.27 21.46
CA ILE A 149 0.35 2.93 21.15
C ILE A 149 1.67 3.02 20.37
N LEU A 150 1.72 3.89 19.37
CA LEU A 150 2.91 4.09 18.55
C LEU A 150 4.09 4.54 19.38
N GLN A 151 3.88 5.49 20.31
CA GLN A 151 4.94 6.05 21.15
C GLN A 151 5.61 4.99 22.04
N GLN A 152 4.86 3.96 22.43
CA GLN A 152 5.42 2.89 23.25
C GLN A 152 5.81 1.64 22.46
N LEU A 153 5.64 1.63 21.14
CA LEU A 153 6.05 0.49 20.33
C LEU A 153 7.53 0.51 19.98
N ASP A 154 8.29 1.55 20.40
CA ASP A 154 9.74 1.58 20.21
C ASP A 154 10.44 0.45 21.00
N VAL A 155 9.70 -0.22 21.92
CA VAL A 155 10.16 -1.32 22.75
C VAL A 155 9.11 -2.44 22.68
N SER A 156 9.50 -3.70 22.94
CA SER A 156 8.56 -4.81 22.97
C SER A 156 7.71 -4.60 24.23
N PRO A 157 6.39 -4.43 24.07
CA PRO A 157 5.55 -4.10 25.22
C PRO A 157 5.30 -5.25 26.19
N GLU A 158 4.86 -4.92 27.41
CA GLU A 158 4.50 -5.90 28.43
C GLU A 158 3.26 -6.66 27.95
N CYS A 159 3.13 -7.93 28.32
CA CYS A 159 1.99 -8.73 27.90
C CYS A 159 0.69 -8.31 28.58
N ILE B 25 -5.85 -24.17 -26.07
CA ILE B 25 -6.27 -23.65 -24.78
C ILE B 25 -5.21 -23.92 -23.68
N ASP B 26 -4.72 -22.84 -23.05
CA ASP B 26 -3.67 -22.89 -22.03
C ASP B 26 -4.20 -22.25 -20.75
N VAL B 27 -4.26 -23.03 -19.65
CA VAL B 27 -4.78 -22.53 -18.37
C VAL B 27 -3.69 -21.87 -17.47
N ASN B 28 -2.47 -21.65 -17.99
CA ASN B 28 -1.41 -21.00 -17.20
C ASN B 28 -1.55 -19.47 -17.19
N ILE B 29 -2.61 -18.98 -16.54
CA ILE B 29 -2.96 -17.56 -16.49
C ILE B 29 -2.10 -16.75 -15.49
N ASN B 30 -1.68 -15.54 -15.90
CA ASN B 30 -0.94 -14.60 -15.05
C ASN B 30 -1.97 -13.61 -14.47
N ILE B 31 -2.00 -13.47 -13.15
CA ILE B 31 -2.87 -12.50 -12.51
C ILE B 31 -1.96 -11.41 -11.93
N SER B 32 -2.15 -10.14 -12.33
CA SER B 32 -1.33 -9.07 -11.74
C SER B 32 -2.20 -8.09 -10.97
N CYS B 33 -1.71 -7.64 -9.83
CA CYS B 33 -2.47 -6.81 -8.92
C CYS B 33 -1.80 -5.48 -8.64
N GLU B 34 -2.61 -4.45 -8.38
CA GLU B 34 -2.14 -3.13 -8.06
C GLU B 34 -3.10 -2.50 -7.07
N THR B 35 -2.55 -2.03 -5.94
CA THR B 35 -3.28 -1.29 -4.93
C THR B 35 -3.18 0.20 -5.27
N ASP B 36 -4.30 0.93 -5.20
CA ASP B 36 -4.30 2.36 -5.54
C ASP B 36 -3.44 3.19 -4.56
N GLY B 37 -3.10 4.43 -4.94
CA GLY B 37 -2.28 5.32 -4.15
C GLY B 37 -2.91 5.80 -2.85
N TYR B 38 -4.23 5.61 -2.70
CA TYR B 38 -4.92 5.94 -1.46
C TYR B 38 -5.10 4.72 -0.54
N LEU B 39 -4.63 3.52 -0.95
CA LEU B 39 -4.71 2.29 -0.17
C LEU B 39 -6.16 1.95 0.21
N THR B 40 -7.08 2.12 -0.75
CA THR B 40 -8.50 1.86 -0.57
C THR B 40 -9.01 0.62 -1.35
N LYS B 41 -8.24 0.14 -2.33
CA LYS B 41 -8.67 -0.98 -3.17
C LYS B 41 -7.50 -1.63 -3.89
N MET B 42 -7.68 -2.87 -4.28
CA MET B 42 -6.67 -3.58 -5.04
C MET B 42 -7.37 -4.12 -6.28
N THR B 43 -6.84 -3.81 -7.44
CA THR B 43 -7.41 -4.27 -8.71
C THR B 43 -6.50 -5.37 -9.27
N CYS B 44 -7.07 -6.50 -9.62
CA CYS B 44 -6.34 -7.61 -10.19
C CYS B 44 -6.82 -7.82 -11.64
N ARG B 45 -5.90 -8.13 -12.52
CA ARG B 45 -6.15 -8.20 -13.95
C ARG B 45 -5.65 -9.50 -14.52
N TRP B 46 -6.40 -10.09 -15.44
CA TRP B 46 -6.01 -11.34 -16.07
C TRP B 46 -6.66 -11.49 -17.44
N SER B 47 -6.00 -12.19 -18.34
CA SER B 47 -6.53 -12.37 -19.69
C SER B 47 -7.04 -13.76 -19.91
N PRO B 48 -8.27 -13.88 -20.42
CA PRO B 48 -8.78 -15.21 -20.79
C PRO B 48 -8.53 -15.47 -22.26
N SER B 49 -7.61 -14.76 -22.95
CA SER B 49 -7.39 -14.97 -24.40
C SER B 49 -6.98 -16.40 -24.76
N THR B 50 -6.38 -17.11 -23.80
CA THR B 50 -5.99 -18.50 -23.99
C THR B 50 -7.10 -19.51 -23.55
N ILE B 51 -8.23 -19.02 -23.00
CA ILE B 51 -9.35 -19.84 -22.50
C ILE B 51 -10.67 -19.49 -23.22
N GLN B 52 -10.62 -19.29 -24.54
CA GLN B 52 -11.82 -18.98 -25.29
C GLN B 52 -12.28 -20.18 -26.12
N SER B 53 -12.34 -21.39 -25.49
CA SER B 53 -12.74 -22.58 -26.25
C SER B 53 -13.34 -23.78 -25.46
N LEU B 54 -13.04 -23.96 -24.15
CA LEU B 54 -13.60 -25.12 -23.42
C LEU B 54 -15.12 -24.98 -23.17
N VAL B 55 -15.93 -25.51 -24.09
CA VAL B 55 -17.37 -25.38 -24.06
C VAL B 55 -18.03 -26.16 -22.90
N GLY B 56 -19.03 -25.53 -22.29
CA GLY B 56 -19.72 -26.10 -21.15
C GLY B 56 -19.06 -25.78 -19.82
N SER B 57 -18.10 -24.84 -19.83
CA SER B 57 -17.40 -24.50 -18.62
C SER B 57 -17.56 -23.06 -18.19
N THR B 58 -17.40 -22.81 -16.88
CA THR B 58 -17.42 -21.48 -16.33
C THR B 58 -15.96 -21.14 -16.01
N VAL B 59 -15.56 -19.89 -16.20
CA VAL B 59 -14.19 -19.48 -15.91
C VAL B 59 -14.26 -18.36 -14.88
N GLN B 60 -13.66 -18.55 -13.71
CA GLN B 60 -13.74 -17.56 -12.66
C GLN B 60 -12.46 -17.44 -11.82
N LEU B 61 -12.21 -16.24 -11.30
CA LEU B 61 -11.11 -16.04 -10.41
C LEU B 61 -11.62 -16.47 -9.03
N ARG B 62 -10.85 -17.30 -8.33
CA ARG B 62 -11.18 -17.75 -6.98
C ARG B 62 -10.12 -17.19 -6.05
N TYR B 63 -10.48 -16.98 -4.79
CA TYR B 63 -9.53 -16.50 -3.82
C TYR B 63 -9.88 -16.90 -2.39
N HIS B 64 -8.89 -16.82 -1.55
CA HIS B 64 -9.05 -16.96 -0.11
C HIS B 64 -8.08 -16.00 0.53
N ARG B 65 -8.48 -15.50 1.68
CA ARG B 65 -7.69 -14.50 2.38
C ARG B 65 -7.16 -15.09 3.68
N ARG B 66 -5.89 -14.86 4.00
CA ARG B 66 -5.30 -15.31 5.26
C ARG B 66 -5.19 -14.04 6.12
N SER B 67 -5.51 -14.13 7.41
CA SER B 67 -5.57 -12.95 8.28
C SER B 67 -4.35 -12.03 8.17
N LEU B 68 -3.14 -12.62 8.20
CA LEU B 68 -1.93 -11.83 8.04
C LEU B 68 -0.97 -12.59 7.14
N TYR B 69 -0.37 -11.88 6.17
CA TYR B 69 0.71 -12.34 5.30
C TYR B 69 0.35 -13.51 4.38
N CYS B 70 1.29 -13.86 3.52
CA CYS B 70 1.14 -14.95 2.58
C CYS B 70 1.85 -16.16 3.10
N PRO B 71 1.28 -17.37 2.91
CA PRO B 71 2.04 -18.59 3.27
C PRO B 71 3.23 -18.75 2.32
N ASP B 72 4.28 -19.48 2.76
CA ASP B 72 5.48 -19.69 1.93
C ASP B 72 5.17 -20.23 0.53
N SER B 73 4.25 -21.20 0.43
CA SER B 73 3.84 -21.73 -0.87
C SER B 73 2.34 -21.70 -0.96
N PRO B 74 1.80 -20.87 -1.87
CA PRO B 74 0.34 -20.74 -2.00
C PRO B 74 -0.37 -22.03 -2.36
N SER B 75 -1.63 -22.15 -1.92
CA SER B 75 -2.41 -23.38 -2.14
C SER B 75 -3.87 -23.11 -2.48
N ILE B 76 -4.44 -23.97 -3.33
CA ILE B 76 -5.86 -23.89 -3.70
C ILE B 76 -6.76 -24.73 -2.76
N HIS B 77 -6.18 -25.37 -1.72
CA HIS B 77 -6.91 -26.29 -0.86
C HIS B 77 -7.71 -25.62 0.27
N PRO B 78 -7.27 -24.50 0.91
CA PRO B 78 -8.16 -23.84 1.88
C PRO B 78 -9.40 -23.33 1.15
N THR B 79 -10.58 -23.45 1.78
CA THR B 79 -11.86 -23.05 1.18
C THR B 79 -11.82 -21.67 0.52
N SER B 80 -12.28 -21.60 -0.72
CA SER B 80 -12.21 -20.40 -1.52
C SER B 80 -13.58 -19.87 -1.93
N GLU B 81 -13.61 -18.66 -2.48
CA GLU B 81 -14.81 -18.02 -2.96
C GLU B 81 -14.56 -17.48 -4.37
N PRO B 82 -15.58 -17.48 -5.25
CA PRO B 82 -15.39 -16.85 -6.57
C PRO B 82 -15.47 -15.34 -6.40
N LYS B 83 -14.73 -14.63 -7.21
CA LYS B 83 -14.69 -13.18 -7.18
C LYS B 83 -15.39 -12.62 -8.42
N ASN B 84 -16.18 -11.56 -8.26
CA ASN B 84 -16.85 -10.93 -9.40
C ASN B 84 -15.81 -10.16 -10.23
N CYS B 85 -15.55 -10.59 -11.49
CA CYS B 85 -14.66 -9.86 -12.38
C CYS B 85 -15.46 -9.18 -13.50
N VAL B 86 -14.99 -8.01 -13.97
CA VAL B 86 -15.67 -7.27 -15.05
C VAL B 86 -14.79 -7.34 -16.30
N LEU B 87 -15.35 -7.75 -17.43
CA LEU B 87 -14.60 -7.77 -18.68
C LEU B 87 -14.38 -6.32 -19.10
N GLN B 88 -13.15 -5.97 -19.49
CA GLN B 88 -12.79 -4.61 -19.89
C GLN B 88 -12.71 -4.47 -21.41
N ARG B 89 -12.63 -3.22 -21.89
CA ARG B 89 -12.50 -2.89 -23.32
C ARG B 89 -11.32 -3.62 -24.00
N ASP B 90 -10.20 -3.87 -23.29
CA ASP B 90 -9.05 -4.56 -23.88
C ASP B 90 -9.15 -6.10 -23.91
N GLY B 91 -10.24 -6.66 -23.38
CA GLY B 91 -10.41 -8.11 -23.36
C GLY B 91 -9.89 -8.78 -22.10
N PHE B 92 -9.33 -8.01 -21.16
CA PHE B 92 -8.86 -8.52 -19.88
C PHE B 92 -10.00 -8.42 -18.89
N TYR B 93 -10.01 -9.30 -17.87
CA TYR B 93 -10.95 -9.18 -16.77
C TYR B 93 -10.28 -8.34 -15.66
N GLU B 94 -11.04 -7.48 -14.98
CA GLU B 94 -10.52 -6.74 -13.83
C GLU B 94 -11.44 -7.00 -12.66
N CYS B 95 -10.85 -7.40 -11.55
CA CYS B 95 -11.49 -7.79 -10.31
C CYS B 95 -11.03 -6.77 -9.23
N VAL B 96 -11.95 -6.08 -8.55
CA VAL B 96 -11.61 -5.07 -7.56
C VAL B 96 -11.94 -5.55 -6.15
N PHE B 97 -10.97 -5.52 -5.25
CA PHE B 97 -11.19 -5.87 -3.84
C PHE B 97 -11.28 -4.52 -3.13
N GLN B 98 -12.43 -4.19 -2.58
CA GLN B 98 -12.63 -2.93 -1.89
C GLN B 98 -13.74 -3.08 -0.86
N PRO B 99 -13.54 -2.72 0.41
CA PRO B 99 -12.27 -2.27 1.01
C PRO B 99 -11.23 -3.40 1.07
N ILE B 100 -9.98 -3.04 1.34
CA ILE B 100 -8.89 -4.02 1.35
C ILE B 100 -8.41 -4.31 2.76
N PHE B 101 -7.70 -5.43 2.91
CA PHE B 101 -7.00 -5.77 4.13
C PHE B 101 -5.52 -5.69 3.71
N LEU B 102 -4.86 -4.54 3.96
CA LEU B 102 -3.48 -4.31 3.51
C LEU B 102 -2.49 -5.41 3.83
N LEU B 103 -2.54 -5.97 5.03
CA LEU B 103 -1.56 -6.94 5.47
C LEU B 103 -2.05 -8.39 5.47
N SER B 104 -3.16 -8.66 4.79
CA SER B 104 -3.70 -10.01 4.67
C SER B 104 -3.17 -10.58 3.35
N GLY B 105 -2.87 -11.88 3.31
CA GLY B 105 -2.43 -12.51 2.08
C GLY B 105 -3.64 -12.93 1.26
N TYR B 106 -3.74 -12.46 0.04
CA TYR B 106 -4.83 -12.86 -0.87
C TYR B 106 -4.30 -13.92 -1.82
N THR B 107 -4.75 -15.19 -1.69
CA THR B 107 -4.30 -16.23 -2.61
C THR B 107 -5.34 -16.34 -3.72
N MET B 108 -4.93 -16.23 -4.98
CA MET B 108 -5.89 -16.24 -6.08
C MET B 108 -5.40 -17.08 -7.24
N TRP B 109 -6.38 -17.60 -8.01
CA TRP B 109 -6.13 -18.43 -9.19
C TRP B 109 -7.39 -18.46 -10.04
N ILE B 110 -7.28 -18.95 -11.26
CA ILE B 110 -8.41 -19.07 -12.16
C ILE B 110 -8.88 -20.52 -12.15
N ARG B 111 -10.18 -20.75 -11.93
CA ARG B 111 -10.73 -22.09 -11.98
C ARG B 111 -11.60 -22.19 -13.25
N ILE B 112 -11.41 -23.26 -14.04
CA ILE B 112 -12.27 -23.53 -15.18
C ILE B 112 -13.09 -24.71 -14.69
N GLN B 113 -14.39 -24.52 -14.49
CA GLN B 113 -15.26 -25.57 -13.98
C GLN B 113 -16.17 -26.10 -15.08
N HIS B 114 -15.96 -27.34 -15.47
CA HIS B 114 -16.76 -28.04 -16.45
C HIS B 114 -17.55 -29.13 -15.68
N SER B 115 -18.64 -29.63 -16.27
CA SER B 115 -19.42 -30.68 -15.62
C SER B 115 -18.57 -31.96 -15.43
N LEU B 116 -17.65 -32.21 -16.38
CA LEU B 116 -16.81 -33.39 -16.36
C LEU B 116 -15.44 -33.21 -15.66
N GLY B 117 -15.28 -32.11 -14.93
CA GLY B 117 -14.04 -31.87 -14.19
C GLY B 117 -13.68 -30.41 -14.05
N SER B 118 -12.58 -30.13 -13.36
CA SER B 118 -12.13 -28.77 -13.18
C SER B 118 -10.63 -28.65 -13.31
N LEU B 119 -10.17 -27.48 -13.71
CA LEU B 119 -8.75 -27.18 -13.82
C LEU B 119 -8.53 -25.90 -13.02
N ASP B 120 -7.41 -25.82 -12.30
CA ASP B 120 -7.10 -24.65 -11.49
C ASP B 120 -5.72 -24.17 -11.90
N SER B 121 -5.57 -22.88 -12.25
CA SER B 121 -4.26 -22.35 -12.61
C SER B 121 -3.35 -22.30 -11.36
N PRO B 122 -2.00 -22.19 -11.50
CA PRO B 122 -1.15 -22.13 -10.31
C PRO B 122 -1.50 -20.91 -9.44
N PRO B 123 -1.72 -21.13 -8.15
CA PRO B 123 -2.10 -20.00 -7.28
C PRO B 123 -0.98 -19.00 -7.02
N THR B 124 -1.36 -17.75 -6.82
CA THR B 124 -0.40 -16.70 -6.48
C THR B 124 -0.92 -16.00 -5.22
N CYS B 125 -0.02 -15.60 -4.31
CA CYS B 125 -0.48 -14.90 -3.10
C CYS B 125 0.05 -13.51 -3.13
N VAL B 126 -0.82 -12.52 -2.90
CA VAL B 126 -0.42 -11.12 -2.95
C VAL B 126 -0.77 -10.44 -1.65
N LEU B 127 0.17 -9.62 -1.16
CA LEU B 127 -0.10 -8.80 -0.01
C LEU B 127 -0.47 -7.44 -0.61
N PRO B 128 -1.70 -6.91 -0.41
CA PRO B 128 -2.05 -5.60 -1.01
C PRO B 128 -1.06 -4.49 -0.71
N ASP B 129 -0.50 -4.47 0.52
CA ASP B 129 0.47 -3.47 0.95
C ASP B 129 1.72 -3.45 0.08
N SER B 130 2.08 -4.60 -0.53
CA SER B 130 3.29 -4.74 -1.33
C SER B 130 3.13 -4.47 -2.81
N VAL B 131 1.91 -4.19 -3.28
CA VAL B 131 1.69 -3.90 -4.70
C VAL B 131 1.06 -2.52 -4.88
N VAL B 132 1.35 -1.58 -3.98
CA VAL B 132 0.79 -0.23 -4.09
C VAL B 132 1.53 0.56 -5.18
N LYS B 133 0.80 1.33 -6.00
CA LYS B 133 1.44 2.25 -6.93
C LYS B 133 1.20 3.61 -6.27
N PRO B 134 2.22 4.24 -5.66
CA PRO B 134 1.96 5.54 -5.01
C PRO B 134 1.56 6.61 -6.01
N LEU B 135 0.91 7.67 -5.53
CA LEU B 135 0.67 8.84 -6.35
C LEU B 135 2.06 9.49 -6.58
N PRO B 136 2.22 10.25 -7.66
CA PRO B 136 3.53 10.88 -7.90
C PRO B 136 3.86 11.90 -6.81
N PRO B 137 5.15 12.24 -6.65
CA PRO B 137 5.49 13.39 -5.79
C PRO B 137 4.83 14.66 -6.35
N SER B 138 4.44 15.59 -5.46
CA SER B 138 3.75 16.81 -5.87
C SER B 138 4.58 18.06 -5.55
N ASN B 139 4.07 19.26 -5.93
CA ASN B 139 4.72 20.55 -5.72
C ASN B 139 6.19 20.51 -6.19
N VAL B 140 6.44 19.87 -7.36
CA VAL B 140 7.79 19.78 -7.88
C VAL B 140 8.21 21.13 -8.43
N LYS B 141 9.38 21.63 -7.97
CA LYS B 141 9.93 22.91 -8.38
C LYS B 141 11.37 22.73 -8.88
N ALA B 142 11.80 23.57 -9.83
CA ALA B 142 13.16 23.54 -10.33
C ALA B 142 13.65 24.97 -10.47
N GLU B 143 14.90 25.25 -10.04
CA GLU B 143 15.41 26.61 -10.08
C GLU B 143 16.92 26.63 -10.28
N ILE B 144 17.42 27.55 -11.12
CA ILE B 144 18.85 27.79 -11.35
C ILE B 144 19.14 29.24 -11.07
N THR B 145 20.16 29.49 -10.26
CA THR B 145 20.65 30.84 -9.95
C THR B 145 22.19 30.82 -10.05
N VAL B 146 22.80 31.99 -10.26
CA VAL B 146 24.27 32.07 -10.24
C VAL B 146 24.77 32.04 -8.75
N ASN B 147 23.87 32.29 -7.74
CA ASN B 147 24.19 32.22 -6.30
C ASN B 147 24.58 30.81 -5.87
N THR B 148 24.06 29.80 -6.56
CA THR B 148 24.41 28.41 -6.34
C THR B 148 25.26 27.89 -7.51
N GLY B 149 24.98 28.36 -8.72
CA GLY B 149 25.62 27.88 -9.93
C GLY B 149 25.18 26.46 -10.24
N LEU B 150 23.96 26.05 -9.79
CA LEU B 150 23.44 24.68 -9.88
C LEU B 150 21.94 24.66 -10.12
N LEU B 151 21.45 23.49 -10.55
CA LEU B 151 20.03 23.25 -10.70
C LEU B 151 19.49 22.64 -9.37
N LYS B 152 18.57 23.33 -8.71
CA LYS B 152 17.98 22.84 -7.47
C LYS B 152 16.59 22.33 -7.77
N VAL B 153 16.33 21.06 -7.44
CA VAL B 153 15.04 20.41 -7.64
C VAL B 153 14.46 20.11 -6.27
N SER B 154 13.16 20.34 -6.07
CA SER B 154 12.52 20.04 -4.80
C SER B 154 11.13 19.45 -5.02
N TRP B 155 10.64 18.68 -4.03
CA TRP B 155 9.36 18.00 -4.21
C TRP B 155 8.70 17.70 -2.84
N GLU B 156 7.47 17.20 -2.88
CA GLU B 156 6.76 16.76 -1.70
C GLU B 156 6.38 15.32 -1.99
N LYS B 157 6.74 14.40 -1.10
CA LYS B 157 6.40 13.00 -1.30
C LYS B 157 4.88 12.83 -1.18
N PRO B 158 4.33 11.79 -1.83
CA PRO B 158 2.90 11.53 -1.66
C PRO B 158 2.59 11.15 -0.22
N VAL B 159 1.36 11.40 0.21
CA VAL B 159 0.86 11.13 1.54
C VAL B 159 0.98 9.62 1.86
N PHE B 160 0.66 8.75 0.90
CA PHE B 160 0.82 7.32 1.05
C PHE B 160 1.85 6.79 0.06
N PRO B 161 2.53 5.68 0.37
CA PRO B 161 2.48 4.95 1.64
C PRO B 161 3.32 5.63 2.73
N GLU B 162 3.17 5.15 3.96
CA GLU B 162 3.94 5.67 5.09
C GLU B 162 5.37 5.11 5.16
N ASN B 163 5.69 4.09 4.38
CA ASN B 163 7.01 3.47 4.34
C ASN B 163 8.01 4.43 3.72
N ASN B 164 9.30 4.20 3.99
CA ASN B 164 10.37 5.01 3.39
C ASN B 164 10.35 4.89 1.88
N LEU B 165 10.57 6.01 1.17
CA LEU B 165 10.58 6.01 -0.29
C LEU B 165 11.96 6.35 -0.84
N GLN B 166 12.21 5.97 -2.08
CA GLN B 166 13.35 6.39 -2.87
C GLN B 166 12.73 7.25 -3.98
N PHE B 167 13.51 8.19 -4.50
CA PHE B 167 13.05 9.08 -5.56
C PHE B 167 13.98 8.97 -6.74
N GLN B 168 13.44 9.23 -7.90
CA GLN B 168 14.22 9.29 -9.11
C GLN B 168 13.87 10.58 -9.81
N ILE B 169 14.87 11.38 -10.18
CA ILE B 169 14.65 12.65 -10.85
C ILE B 169 15.17 12.52 -12.25
N ARG B 170 14.37 12.89 -13.25
CA ARG B 170 14.88 12.97 -14.60
C ARG B 170 14.86 14.46 -15.01
N TYR B 171 15.92 14.90 -15.67
CA TYR B 171 16.09 16.28 -16.03
C TYR B 171 16.83 16.42 -17.34
N GLY B 172 16.49 17.47 -18.07
CA GLY B 172 17.15 17.78 -19.32
C GLY B 172 16.83 19.16 -19.82
N LEU B 173 17.49 19.56 -20.92
CA LEU B 173 17.24 20.84 -21.56
C LEU B 173 15.85 20.76 -22.18
N SER B 174 15.00 21.77 -21.95
CA SER B 174 13.65 21.77 -22.50
C SER B 174 13.69 21.98 -24.00
N GLY B 175 13.02 21.11 -24.74
CA GLY B 175 13.00 21.20 -26.19
C GLY B 175 12.21 20.09 -26.86
N LYS B 176 12.34 19.95 -28.19
CA LYS B 176 11.61 18.95 -28.95
C LYS B 176 12.11 17.52 -28.72
N GLU B 177 13.43 17.36 -28.52
CA GLU B 177 14.04 16.05 -28.29
C GLU B 177 14.84 16.13 -27.02
N ILE B 178 14.21 15.80 -25.89
CA ILE B 178 14.86 15.89 -24.60
C ILE B 178 15.84 14.75 -24.37
N GLN B 179 17.08 15.09 -24.10
CA GLN B 179 18.12 14.12 -23.78
C GLN B 179 18.07 14.01 -22.26
N TRP B 180 17.36 13.02 -21.73
CA TRP B 180 17.21 12.89 -20.28
C TRP B 180 18.46 12.43 -19.56
N LYS B 181 18.63 12.95 -18.35
CA LYS B 181 19.65 12.53 -17.40
C LYS B 181 18.89 12.16 -16.11
N THR B 182 19.33 11.11 -15.39
CA THR B 182 18.64 10.68 -14.17
C THR B 182 19.52 10.78 -12.93
N HIS B 183 18.90 11.11 -11.79
CA HIS B 183 19.57 11.25 -10.51
C HIS B 183 18.74 10.48 -9.49
N GLU B 184 19.38 9.62 -8.71
CA GLU B 184 18.70 8.79 -7.71
C GLU B 184 18.84 9.31 -6.29
N VAL B 185 17.76 9.29 -5.50
CA VAL B 185 17.79 9.74 -4.10
C VAL B 185 17.33 8.60 -3.18
N PHE B 186 18.20 8.12 -2.28
CA PHE B 186 17.87 6.98 -1.42
C PHE B 186 17.63 7.28 0.08
N ASP B 187 17.59 8.55 0.51
CA ASP B 187 17.20 8.83 1.90
C ASP B 187 15.73 9.30 1.88
N ALA B 188 14.91 8.69 2.72
CA ALA B 188 13.48 8.95 2.73
C ALA B 188 13.09 10.39 3.12
N LYS B 189 13.92 11.06 3.93
CA LYS B 189 13.70 12.41 4.41
C LYS B 189 14.09 13.55 3.45
N SER B 190 14.70 13.24 2.30
CA SER B 190 15.10 14.29 1.35
C SER B 190 13.94 14.84 0.58
N LYS B 191 13.81 16.16 0.58
CA LYS B 191 12.80 16.86 -0.20
C LYS B 191 13.44 17.68 -1.34
N SER B 192 14.78 17.56 -1.56
CA SER B 192 15.49 18.31 -2.58
C SER B 192 16.79 17.64 -3.02
N ALA B 193 17.27 18.00 -4.23
CA ALA B 193 18.54 17.57 -4.80
C ALA B 193 19.22 18.73 -5.53
N SER B 194 20.56 18.74 -5.58
CA SER B 194 21.33 19.75 -6.30
C SER B 194 22.10 19.06 -7.40
N LEU B 195 21.97 19.57 -8.62
CA LEU B 195 22.55 18.93 -9.80
C LEU B 195 23.44 19.89 -10.58
N LEU B 196 24.64 19.44 -10.98
CA LEU B 196 25.54 20.24 -11.80
C LEU B 196 25.09 20.26 -13.26
N VAL B 197 24.81 21.45 -13.81
CA VAL B 197 24.42 21.64 -15.21
C VAL B 197 25.42 22.55 -15.91
N SER B 198 25.58 22.37 -17.23
CA SER B 198 26.56 23.10 -17.98
C SER B 198 26.13 24.50 -18.48
N ASP B 199 24.82 24.77 -18.60
CA ASP B 199 24.34 26.08 -19.07
C ASP B 199 23.36 26.64 -18.06
N LEU B 200 23.74 27.70 -17.35
CA LEU B 200 22.90 28.27 -16.31
C LEU B 200 21.74 29.15 -16.80
N SER B 201 21.72 29.49 -18.07
CA SER B 201 20.67 30.34 -18.63
C SER B 201 19.62 29.61 -19.46
N ALA B 202 19.71 28.28 -19.57
CA ALA B 202 18.73 27.55 -20.38
C ALA B 202 17.54 27.08 -19.53
N VAL B 203 16.42 26.79 -20.17
CA VAL B 203 15.25 26.27 -19.48
C VAL B 203 15.42 24.77 -19.34
N TYR B 204 15.35 24.23 -18.11
CA TYR B 204 15.41 22.77 -17.92
C TYR B 204 14.03 22.27 -17.53
N VAL B 205 13.72 21.05 -17.95
CA VAL B 205 12.48 20.37 -17.58
C VAL B 205 12.87 19.27 -16.59
N VAL B 206 12.08 19.09 -15.54
CA VAL B 206 12.35 18.14 -14.48
C VAL B 206 11.08 17.38 -14.10
N GLN B 207 11.20 16.07 -13.85
CA GLN B 207 10.13 15.23 -13.32
C GLN B 207 10.73 14.36 -12.22
N VAL B 208 9.91 14.01 -11.24
CA VAL B 208 10.31 13.17 -10.13
C VAL B 208 9.27 12.03 -9.99
N ARG B 209 9.75 10.83 -9.71
CA ARG B 209 8.89 9.69 -9.43
C ARG B 209 9.45 8.99 -8.17
N CYS B 210 8.63 8.16 -7.54
CA CYS B 210 9.01 7.53 -6.28
C CYS B 210 8.57 6.07 -6.18
N ARG B 211 9.19 5.34 -5.29
CA ARG B 211 8.91 3.93 -5.06
C ARG B 211 9.36 3.63 -3.63
N ARG B 212 8.79 2.59 -2.99
CA ARG B 212 9.26 2.18 -1.66
C ARG B 212 10.75 1.83 -1.72
N LEU B 213 11.50 2.33 -0.73
CA LEU B 213 12.93 2.11 -0.60
C LEU B 213 13.24 0.61 -0.53
N ASP B 214 12.35 -0.19 0.10
CA ASP B 214 12.54 -1.63 0.17
C ASP B 214 12.19 -2.38 -1.14
N GLY B 215 11.74 -1.66 -2.17
CA GLY B 215 11.35 -2.24 -3.44
C GLY B 215 10.04 -3.00 -3.46
N LEU B 216 9.27 -3.00 -2.35
CA LEU B 216 7.99 -3.72 -2.30
C LEU B 216 6.83 -2.83 -2.76
N GLY B 217 6.78 -2.65 -4.06
CA GLY B 217 5.75 -1.83 -4.69
C GLY B 217 6.16 -1.37 -6.08
N TYR B 218 5.29 -0.60 -6.72
CA TYR B 218 5.52 -0.08 -8.06
C TYR B 218 6.10 1.31 -7.98
N TRP B 219 6.68 1.76 -9.08
CA TRP B 219 7.12 3.13 -9.22
C TRP B 219 5.84 3.94 -9.44
N SER B 220 5.78 5.14 -8.88
CA SER B 220 4.68 6.06 -9.18
C SER B 220 4.85 6.52 -10.63
N ASN B 221 3.80 7.17 -11.20
CA ASN B 221 3.97 7.87 -12.47
C ASN B 221 4.94 9.05 -12.21
N TRP B 222 5.53 9.56 -13.29
CA TRP B 222 6.38 10.73 -13.19
C TRP B 222 5.46 11.91 -12.83
N SER B 223 5.95 12.82 -11.99
CA SER B 223 5.20 14.01 -11.62
C SER B 223 4.96 14.89 -12.85
N SER B 224 4.00 15.86 -12.75
CA SER B 224 3.80 16.78 -13.85
C SER B 224 5.07 17.66 -13.97
N PRO B 225 5.53 17.89 -15.21
CA PRO B 225 6.81 18.58 -15.39
C PRO B 225 6.94 19.92 -14.70
N ALA B 226 8.15 20.21 -14.21
CA ALA B 226 8.50 21.49 -13.62
C ALA B 226 9.55 22.11 -14.55
N TYR B 227 9.49 23.43 -14.75
CA TYR B 227 10.42 24.11 -15.62
C TYR B 227 11.16 25.21 -14.85
N THR B 228 12.41 25.48 -15.22
CA THR B 228 13.14 26.59 -14.60
C THR B 228 12.77 27.89 -15.32
N LEU B 229 12.93 29.05 -14.66
CA LEU B 229 12.67 30.32 -15.34
C LEU B 229 13.97 31.08 -15.61
#